data_3GC0
#
_entry.id   3GC0
#
_cell.length_a   53.240
_cell.length_b   73.180
_cell.length_c   75.380
_cell.angle_alpha   90.00
_cell.angle_beta   90.00
_cell.angle_gamma   90.00
#
_symmetry.space_group_name_H-M   'P 21 21 21'
#
loop_
_entity.id
_entity.type
_entity.pdbx_description
1 polymer 'Kinase, CMGC CDK'
2 non-polymer 'ADENOSINE MONOPHOSPHATE'
3 water water
#
_entity_poly.entity_id   1
_entity_poly.type   'polypeptide(L)'
_entity_poly.pdbx_seq_one_letter_code
;MAHHHHHHMGTLEAQTQGPGSMSVSAAPSATSIDRYRRITKLGEGTYGEVYKAIDTVTNETVAIKRIRLEHEEEGVPGTA
IREVSLLKELQHRNIIELKSVIHHNHRLHLIFEYAENDLKKYMDKNPDVSMRVIKSFLYQLINGVNFCHSRRCLHRDLKP
QNLLLSVSDASETPVLKIGDFGLARAFGIPIRQFTHEIITLWYRPPEILLGSRHYSTSVDIWSIACIWAEMLMKTPLFPG
DSEIDQLFKIFEVLGLPDDTTWPGVTALPDWKQSFPKFRGKTLKRVLGALLDDEGLDLLTAMLEMDPVKRISAKNALEHP
YFSHNDFDP
;
_entity_poly.pdbx_strand_id   A
#
loop_
_chem_comp.id
_chem_comp.type
_chem_comp.name
_chem_comp.formula
AMP non-polymer 'ADENOSINE MONOPHOSPHATE' 'C10 H14 N5 O7 P'
#
# COMPACT_ATOMS: atom_id res chain seq x y z
N SER A 32 2.40 5.55 -29.16
CA SER A 32 2.97 6.89 -29.56
C SER A 32 2.74 8.03 -28.53
N ILE A 33 3.82 8.62 -28.02
CA ILE A 33 3.71 9.67 -26.99
C ILE A 33 3.16 11.03 -27.53
N ASP A 34 3.05 11.16 -28.86
CA ASP A 34 2.66 12.43 -29.52
C ASP A 34 1.22 12.84 -29.31
N ARG A 35 0.44 11.85 -28.88
CA ARG A 35 -0.95 12.00 -28.42
C ARG A 35 -1.10 12.97 -27.24
N TYR A 36 -0.07 13.05 -26.41
CA TYR A 36 -0.12 13.77 -25.15
C TYR A 36 0.53 15.15 -25.26
N ARG A 37 -0.20 16.18 -24.83
N ARG A 37 -0.14 16.17 -24.76
CA ARG A 37 0.22 17.59 -24.85
CA ARG A 37 0.35 17.53 -24.87
C ARG A 37 0.34 18.18 -23.47
C ARG A 37 0.22 18.24 -23.54
N ARG A 38 0.87 19.38 -23.42
CA ARG A 38 0.98 20.15 -22.19
C ARG A 38 1.59 19.26 -21.10
N ILE A 39 2.65 18.57 -21.44
CA ILE A 39 3.28 17.62 -20.56
C ILE A 39 4.04 18.50 -19.53
N THR A 40 3.62 18.38 -18.27
CA THR A 40 4.05 19.24 -17.18
C THR A 40 4.65 18.37 -16.04
N LYS A 41 5.95 18.50 -15.76
CA LYS A 41 6.58 17.70 -14.69
C LYS A 41 6.00 17.95 -13.30
N LEU A 42 5.65 16.86 -12.61
CA LEU A 42 5.11 16.93 -11.26
C LEU A 42 6.19 16.61 -10.20
N GLY A 43 7.26 15.95 -10.62
CA GLY A 43 8.27 15.52 -9.67
C GLY A 43 8.85 14.18 -10.09
N GLU A 44 9.68 13.65 -9.19
CA GLU A 44 10.41 12.43 -9.43
C GLU A 44 9.70 11.39 -8.64
N GLY A 45 9.40 10.28 -9.28
CA GLY A 45 8.85 9.15 -8.57
C GLY A 45 9.86 8.04 -8.38
N THR A 46 9.37 6.92 -7.86
CA THR A 46 10.19 5.74 -7.63
C THR A 46 10.96 5.27 -8.85
N TYR A 47 10.33 5.37 -10.03
CA TYR A 47 10.87 4.72 -11.21
C TYR A 47 11.52 5.70 -12.19
N GLY A 48 11.23 6.97 -12.01
CA GLY A 48 11.67 8.00 -12.92
C GLY A 48 10.78 9.20 -12.79
N GLU A 49 10.84 10.10 -13.77
CA GLU A 49 10.07 11.32 -13.74
C GLU A 49 8.57 11.04 -13.88
N VAL A 50 7.76 11.84 -13.20
CA VAL A 50 6.33 11.78 -13.35
C VAL A 50 5.81 13.13 -13.84
N TYR A 51 4.88 13.04 -14.81
CA TYR A 51 4.27 14.22 -15.44
C TYR A 51 2.76 14.12 -15.43
N LYS A 52 2.07 15.28 -15.49
CA LYS A 52 0.70 15.31 -16.00
C LYS A 52 0.63 15.79 -17.47
N ALA A 53 -0.46 15.44 -18.17
CA ALA A 53 -0.59 15.71 -19.59
C ALA A 53 -2.05 15.72 -20.02
N ILE A 54 -2.29 16.27 -21.21
CA ILE A 54 -3.62 16.17 -21.81
C ILE A 54 -3.59 15.13 -22.91
N ASP A 55 -4.52 14.18 -22.84
CA ASP A 55 -4.69 13.20 -23.88
C ASP A 55 -5.59 13.83 -24.96
N THR A 56 -5.00 14.31 -26.06
CA THR A 56 -5.79 15.03 -27.09
C THR A 56 -6.78 14.15 -27.87
N VAL A 57 -6.76 12.84 -27.66
CA VAL A 57 -7.74 11.95 -28.28
C VAL A 57 -9.04 11.90 -27.47
N THR A 58 -8.91 11.99 -26.15
CA THR A 58 -10.06 11.92 -25.22
C THR A 58 -10.32 13.24 -24.50
N ASN A 59 -9.41 14.21 -24.62
CA ASN A 59 -9.50 15.45 -23.82
C ASN A 59 -9.21 15.31 -22.30
N GLU A 60 -8.89 14.10 -21.85
CA GLU A 60 -8.67 13.80 -20.41
C GLU A 60 -7.27 14.17 -19.91
N THR A 61 -7.15 14.47 -18.64
CA THR A 61 -5.83 14.59 -18.04
C THR A 61 -5.34 13.22 -17.68
N VAL A 62 -4.06 12.98 -17.98
CA VAL A 62 -3.39 11.73 -17.65
C VAL A 62 -2.08 11.99 -16.88
N ALA A 63 -1.55 10.91 -16.29
CA ALA A 63 -0.21 10.93 -15.70
C ALA A 63 0.69 10.07 -16.58
N ILE A 64 1.89 10.56 -16.81
CA ILE A 64 2.87 9.80 -17.58
C ILE A 64 4.02 9.54 -16.69
N LYS A 65 4.45 8.29 -16.65
CA LYS A 65 5.54 7.90 -15.81
C LYS A 65 6.64 7.36 -16.67
N ARG A 66 7.77 8.06 -16.66
CA ARG A 66 8.99 7.60 -17.36
C ARG A 66 9.63 6.54 -16.48
N ILE A 67 9.83 5.36 -17.03
CA ILE A 67 10.36 4.24 -16.27
C ILE A 67 11.84 4.12 -16.67
N ARG A 68 12.74 4.55 -15.77
CA ARG A 68 14.17 4.37 -15.98
C ARG A 68 14.59 2.88 -15.82
N LEU A 69 15.14 2.26 -16.87
CA LEU A 69 15.55 0.83 -16.82
C LEU A 69 17.11 0.66 -16.83
N GLU A 70 17.63 -0.39 -17.50
CA GLU A 70 19.07 -0.78 -17.51
C GLU A 70 19.39 -1.70 -16.32
N HIS A 71 19.85 -2.90 -16.63
CA HIS A 71 20.18 -3.90 -15.61
C HIS A 71 21.05 -5.01 -16.21
N THR A 79 9.64 -9.12 -22.44
CA THR A 79 9.21 -9.76 -21.19
C THR A 79 8.76 -8.69 -20.19
N ALA A 80 9.52 -7.61 -20.11
CA ALA A 80 9.16 -6.48 -19.24
C ALA A 80 7.96 -5.78 -19.83
N ILE A 81 7.92 -5.65 -21.15
CA ILE A 81 6.81 -4.95 -21.79
C ILE A 81 5.55 -5.81 -21.69
N ARG A 82 5.73 -7.11 -21.79
CA ARG A 82 4.64 -8.05 -21.64
C ARG A 82 4.06 -7.95 -20.25
N GLU A 83 4.94 -8.06 -19.27
CA GLU A 83 4.57 -8.07 -17.86
C GLU A 83 3.77 -6.80 -17.52
N VAL A 84 4.35 -5.65 -17.83
CA VAL A 84 3.72 -4.37 -17.55
C VAL A 84 2.41 -4.27 -18.31
N SER A 85 2.36 -4.81 -19.52
CA SER A 85 1.16 -4.69 -20.34
C SER A 85 0.01 -5.47 -19.72
N LEU A 86 0.32 -6.56 -19.01
CA LEU A 86 -0.72 -7.35 -18.35
C LEU A 86 -1.43 -6.52 -17.27
N LEU A 87 -0.80 -5.46 -16.76
CA LEU A 87 -1.39 -4.64 -15.71
C LEU A 87 -2.55 -3.83 -16.25
N LYS A 88 -2.65 -3.75 -17.59
CA LYS A 88 -3.78 -3.09 -18.22
C LYS A 88 -5.12 -3.78 -17.93
N GLU A 89 -5.09 -5.09 -17.68
CA GLU A 89 -6.28 -5.84 -17.28
C GLU A 89 -6.79 -5.46 -15.88
N LEU A 90 -5.98 -4.85 -15.02
CA LEU A 90 -6.43 -4.44 -13.65
C LEU A 90 -7.29 -3.19 -13.74
N GLN A 91 -8.55 -3.39 -14.09
CA GLN A 91 -9.55 -2.34 -14.32
C GLN A 91 -10.54 -2.38 -13.17
N HIS A 92 -10.42 -1.42 -12.24
CA HIS A 92 -11.22 -1.41 -11.04
C HIS A 92 -11.25 0.04 -10.53
N ARG A 93 -12.39 0.46 -9.99
CA ARG A 93 -12.56 1.85 -9.55
C ARG A 93 -11.56 2.26 -8.46
N ASN A 94 -11.03 1.29 -7.71
CA ASN A 94 -10.05 1.60 -6.65
C ASN A 94 -8.59 1.31 -7.07
N ILE A 95 -8.36 1.19 -8.38
CA ILE A 95 -7.02 0.97 -8.93
C ILE A 95 -6.78 2.01 -10.03
N ILE A 96 -5.68 2.76 -9.93
CA ILE A 96 -5.25 3.67 -11.02
C ILE A 96 -5.05 2.85 -12.29
N GLU A 97 -5.83 3.15 -13.34
CA GLU A 97 -5.76 2.43 -14.58
C GLU A 97 -4.47 2.70 -15.32
N LEU A 98 -3.78 1.62 -15.70
CA LEU A 98 -2.75 1.68 -16.71
C LEU A 98 -3.40 1.71 -18.07
N LYS A 99 -3.34 2.87 -18.72
CA LYS A 99 -4.01 3.09 -20.00
C LYS A 99 -3.18 2.66 -21.19
N SER A 100 -1.86 2.76 -21.10
CA SER A 100 -1.03 2.58 -22.27
C SER A 100 0.43 2.40 -21.93
N VAL A 101 1.09 1.50 -22.63
CA VAL A 101 2.50 1.29 -22.44
C VAL A 101 3.19 1.80 -23.71
N ILE A 102 4.09 2.75 -23.60
CA ILE A 102 4.72 3.30 -24.79
C ILE A 102 6.20 3.02 -24.72
N HIS A 103 6.68 2.19 -25.65
CA HIS A 103 8.11 1.79 -25.72
C HIS A 103 8.70 2.22 -27.08
N HIS A 104 9.41 3.34 -27.09
CA HIS A 104 9.86 4.07 -28.32
C HIS A 104 11.22 4.80 -28.11
N ASN A 105 12.13 4.69 -29.08
CA ASN A 105 13.52 5.19 -28.93
C ASN A 105 14.26 4.61 -27.70
N HIS A 106 13.94 3.36 -27.38
CA HIS A 106 14.50 2.69 -26.19
C HIS A 106 14.20 3.40 -24.84
N ARG A 107 13.14 4.23 -24.82
CA ARG A 107 12.58 4.83 -23.59
C ARG A 107 11.18 4.23 -23.29
N LEU A 108 10.88 4.03 -22.02
CA LEU A 108 9.63 3.42 -21.61
C LEU A 108 8.80 4.43 -20.81
N HIS A 109 7.58 4.67 -21.25
CA HIS A 109 6.65 5.54 -20.52
C HIS A 109 5.40 4.72 -20.26
N LEU A 110 4.80 4.93 -19.10
CA LEU A 110 3.51 4.35 -18.83
C LEU A 110 2.56 5.50 -18.68
N ILE A 111 1.39 5.40 -19.30
CA ILE A 111 0.33 6.38 -19.16
C ILE A 111 -0.75 5.87 -18.19
N PHE A 112 -1.01 6.66 -17.13
CA PHE A 112 -1.93 6.25 -16.10
C PHE A 112 -3.03 7.28 -15.99
N GLU A 113 -4.13 6.81 -15.44
CA GLU A 113 -5.18 7.66 -14.94
C GLU A 113 -4.58 8.70 -13.98
N TYR A 114 -5.08 9.93 -14.11
CA TYR A 114 -4.68 11.03 -13.26
C TYR A 114 -5.60 11.18 -12.03
N ALA A 115 -5.00 11.39 -10.86
CA ALA A 115 -5.75 11.66 -9.63
C ALA A 115 -5.13 12.92 -9.00
N GLU A 116 -5.98 13.94 -8.73
CA GLU A 116 -5.54 15.28 -8.22
C GLU A 116 -4.89 15.29 -6.82
N ASN A 117 -5.24 14.33 -5.98
CA ASN A 117 -4.79 14.34 -4.56
C ASN A 117 -4.20 12.95 -4.24
N ASP A 118 -3.58 12.84 -3.06
CA ASP A 118 -3.21 11.56 -2.45
C ASP A 118 -3.39 11.58 -0.93
N LEU A 119 -3.33 10.41 -0.29
CA LEU A 119 -3.72 10.28 1.13
C LEU A 119 -2.83 11.04 2.10
N LYS A 120 -1.51 11.03 1.87
CA LYS A 120 -0.59 11.72 2.76
C LYS A 120 -0.92 13.22 2.77
N LYS A 121 -1.00 13.82 1.59
CA LYS A 121 -1.39 15.24 1.40
C LYS A 121 -2.77 15.51 2.03
N TYR A 122 -3.71 14.59 1.78
CA TYR A 122 -5.05 14.72 2.26
C TYR A 122 -5.14 14.70 3.79
N MET A 123 -4.44 13.77 4.45
CA MET A 123 -4.37 13.76 5.89
C MET A 123 -3.62 15.01 6.44
N ASP A 124 -2.61 15.49 5.70
CA ASP A 124 -1.90 16.71 6.11
C ASP A 124 -2.87 17.93 6.14
N LYS A 125 -3.68 18.04 5.10
CA LYS A 125 -4.57 19.16 4.88
C LYS A 125 -5.86 19.02 5.73
N ASN A 126 -6.23 17.80 6.12
CA ASN A 126 -7.55 17.55 6.72
C ASN A 126 -7.43 16.82 8.04
N PRO A 127 -6.92 17.50 9.11
CA PRO A 127 -6.73 16.90 10.44
C PRO A 127 -8.02 16.49 11.13
N ASP A 128 -9.11 17.21 10.87
CA ASP A 128 -10.41 16.92 11.47
C ASP A 128 -11.29 15.94 10.63
N VAL A 129 -10.73 15.27 9.62
CA VAL A 129 -11.48 14.36 8.74
C VAL A 129 -12.22 13.26 9.54
N SER A 130 -13.45 12.96 9.17
CA SER A 130 -14.28 12.07 10.00
C SER A 130 -13.86 10.60 9.96
N MET A 131 -14.28 9.88 10.98
CA MET A 131 -14.09 8.44 11.06
CA MET A 131 -14.04 8.46 11.03
C MET A 131 -14.72 7.75 9.86
N ARG A 132 -15.83 8.32 9.36
CA ARG A 132 -16.53 7.75 8.22
C ARG A 132 -15.68 7.78 6.95
N VAL A 133 -14.99 8.91 6.72
CA VAL A 133 -14.05 9.03 5.59
C VAL A 133 -12.91 8.02 5.73
N ILE A 134 -12.34 7.91 6.92
CA ILE A 134 -11.24 6.95 7.21
C ILE A 134 -11.67 5.50 6.91
N LYS A 135 -12.82 5.08 7.44
CA LYS A 135 -13.39 3.75 7.16
C LYS A 135 -13.73 3.48 5.68
N SER A 136 -14.23 4.49 4.99
CA SER A 136 -14.43 4.40 3.54
C SER A 136 -13.12 4.23 2.81
N PHE A 137 -12.11 5.00 3.21
CA PHE A 137 -10.79 4.90 2.54
C PHE A 137 -10.24 3.52 2.78
N LEU A 138 -10.39 3.00 4.00
CA LEU A 138 -9.91 1.64 4.30
C LEU A 138 -10.61 0.58 3.46
N TYR A 139 -11.93 0.62 3.42
CA TYR A 139 -12.67 -0.33 2.64
C TYR A 139 -12.21 -0.34 1.18
N GLN A 140 -12.13 0.86 0.64
CA GLN A 140 -11.76 1.07 -0.73
C GLN A 140 -10.36 0.53 -1.04
N LEU A 141 -9.44 0.73 -0.09
CA LEU A 141 -8.06 0.20 -0.22
C LEU A 141 -8.07 -1.31 -0.24
N ILE A 142 -8.79 -1.92 0.72
CA ILE A 142 -8.87 -3.39 0.79
C ILE A 142 -9.55 -3.96 -0.49
N ASN A 143 -10.57 -3.26 -0.97
CA ASN A 143 -11.34 -3.67 -2.15
C ASN A 143 -10.43 -3.69 -3.36
N GLY A 144 -9.68 -2.60 -3.53
CA GLY A 144 -8.69 -2.55 -4.63
C GLY A 144 -7.69 -3.66 -4.52
N VAL A 145 -7.14 -3.82 -3.32
CA VAL A 145 -6.15 -4.84 -3.10
C VAL A 145 -6.71 -6.24 -3.41
N ASN A 146 -7.90 -6.54 -2.89
CA ASN A 146 -8.52 -7.85 -3.12
C ASN A 146 -8.67 -8.10 -4.62
N PHE A 147 -9.11 -7.10 -5.39
CA PHE A 147 -9.24 -7.22 -6.84
C PHE A 147 -7.94 -7.68 -7.46
N CYS A 148 -6.85 -7.00 -7.09
CA CYS A 148 -5.53 -7.32 -7.60
C CYS A 148 -5.01 -8.68 -7.18
N HIS A 149 -5.14 -8.99 -5.89
CA HIS A 149 -4.71 -10.30 -5.39
C HIS A 149 -5.45 -11.45 -6.10
N SER A 150 -6.73 -11.23 -6.41
CA SER A 150 -7.52 -12.27 -7.08
C SER A 150 -7.01 -12.52 -8.52
N ARG A 151 -6.32 -11.56 -9.13
CA ARG A 151 -5.63 -11.75 -10.40
C ARG A 151 -4.14 -12.07 -10.27
N ARG A 152 -3.72 -12.51 -9.08
CA ARG A 152 -2.35 -12.86 -8.81
C ARG A 152 -1.37 -11.66 -8.96
N CYS A 153 -1.85 -10.47 -8.64
CA CYS A 153 -1.01 -9.26 -8.70
C CYS A 153 -0.77 -8.65 -7.33
N LEU A 154 0.49 -8.51 -6.96
CA LEU A 154 0.88 -7.97 -5.66
C LEU A 154 1.38 -6.54 -5.83
N HIS A 155 1.23 -5.70 -4.78
CA HIS A 155 1.76 -4.38 -4.84
C HIS A 155 3.25 -4.42 -4.35
N ARG A 156 3.42 -4.86 -3.10
CA ARG A 156 4.69 -4.91 -2.40
C ARG A 156 5.24 -3.59 -1.85
N ASP A 157 4.70 -2.44 -2.26
CA ASP A 157 5.20 -1.18 -1.74
C ASP A 157 4.10 -0.18 -1.51
N LEU A 158 3.01 -0.65 -0.90
CA LEU A 158 1.93 0.22 -0.50
C LEU A 158 2.37 1.22 0.53
N LYS A 159 1.94 2.49 0.35
CA LYS A 159 2.17 3.57 1.29
C LYS A 159 1.15 4.67 1.02
N PRO A 160 0.98 5.61 1.94
CA PRO A 160 -0.04 6.63 1.71
C PRO A 160 0.20 7.42 0.44
N GLN A 161 1.48 7.55 0.06
CA GLN A 161 1.88 8.34 -1.14
C GLN A 161 1.35 7.76 -2.47
N ASN A 162 1.18 6.42 -2.58
CA ASN A 162 0.53 5.83 -3.79
C ASN A 162 -0.97 5.53 -3.62
N LEU A 163 -1.60 6.09 -2.59
CA LEU A 163 -3.02 5.97 -2.41
C LEU A 163 -3.54 7.31 -2.90
N LEU A 164 -3.96 7.36 -4.15
CA LEU A 164 -4.32 8.60 -4.82
C LEU A 164 -5.80 8.80 -4.57
N LEU A 165 -6.26 10.05 -4.62
CA LEU A 165 -7.66 10.39 -4.30
C LEU A 165 -8.21 11.24 -5.46
N SER A 166 -9.34 10.81 -5.99
CA SER A 166 -9.93 11.45 -7.16
C SER A 166 -11.38 11.86 -6.85
N VAL A 167 -11.78 13.04 -7.31
CA VAL A 167 -13.07 13.65 -6.93
C VAL A 167 -14.31 12.71 -6.93
N GLU A 172 -19.45 12.98 -2.71
CA GLU A 172 -18.96 13.85 -1.64
C GLU A 172 -17.51 13.53 -1.32
N THR A 173 -17.24 12.23 -1.07
CA THR A 173 -15.92 11.71 -0.67
C THR A 173 -15.07 11.47 -1.91
N PRO A 174 -13.76 11.73 -1.80
CA PRO A 174 -12.97 11.31 -2.95
C PRO A 174 -12.93 9.80 -3.01
N VAL A 175 -12.67 9.29 -4.20
CA VAL A 175 -12.51 7.88 -4.46
C VAL A 175 -11.02 7.51 -4.37
N LEU A 176 -10.71 6.50 -3.56
CA LEU A 176 -9.34 6.06 -3.34
C LEU A 176 -8.97 5.14 -4.47
N LYS A 177 -7.83 5.40 -5.08
CA LYS A 177 -7.33 4.65 -6.18
C LYS A 177 -5.85 4.40 -5.92
N ILE A 178 -5.50 3.12 -5.88
CA ILE A 178 -4.15 2.69 -5.61
C ILE A 178 -3.34 2.81 -6.87
N GLY A 179 -2.20 3.46 -6.75
CA GLY A 179 -1.25 3.50 -7.84
C GLY A 179 -0.09 2.53 -7.71
N ASP A 180 0.43 2.15 -8.87
CA ASP A 180 1.69 1.39 -9.03
C ASP A 180 1.68 -0.10 -8.68
N PHE A 181 0.50 -0.71 -8.68
CA PHE A 181 0.39 -2.14 -8.52
C PHE A 181 1.23 -2.81 -9.54
N GLY A 182 1.93 -3.83 -9.09
CA GLY A 182 2.67 -4.67 -10.00
C GLY A 182 3.97 -4.10 -10.49
N LEU A 183 4.27 -2.82 -10.27
CA LEU A 183 5.52 -2.26 -10.80
C LEU A 183 6.79 -2.63 -10.01
N ALA A 184 6.64 -2.79 -8.69
CA ALA A 184 7.76 -3.16 -7.83
C ALA A 184 8.34 -4.45 -8.30
N ARG A 185 7.48 -5.35 -8.75
CA ARG A 185 7.93 -6.60 -9.30
C ARG A 185 8.49 -6.34 -10.66
N ALA A 186 7.58 -6.02 -11.60
CA ALA A 186 7.83 -6.04 -13.05
C ALA A 186 9.17 -5.44 -13.51
N PHE A 187 9.76 -4.57 -12.68
CA PHE A 187 11.05 -3.95 -12.92
C PHE A 187 12.06 -4.22 -11.78
N GLU A 197 15.61 6.62 1.60
CA GLU A 197 14.45 7.13 2.32
C GLU A 197 13.92 6.06 3.29
N ILE A 198 13.79 6.44 4.57
CA ILE A 198 13.36 5.51 5.62
C ILE A 198 11.86 5.21 5.57
N ILE A 199 11.11 6.05 4.86
CA ILE A 199 9.65 5.97 4.82
C ILE A 199 9.22 4.61 4.28
N THR A 200 10.01 4.05 3.36
CA THR A 200 9.68 2.74 2.75
C THR A 200 9.50 1.66 3.83
N LEU A 201 10.42 1.70 4.80
CA LEU A 201 10.47 0.75 5.90
C LEU A 201 9.20 0.72 6.71
N TRP A 202 8.52 1.85 6.87
CA TRP A 202 7.44 1.93 7.85
C TRP A 202 6.27 1.00 7.53
N TYR A 203 6.14 0.61 6.27
CA TYR A 203 5.00 -0.22 5.82
C TYR A 203 5.43 -1.64 5.43
N ARG A 204 6.69 -1.96 5.69
CA ARG A 204 7.24 -3.23 5.35
C ARG A 204 6.99 -4.29 6.46
N PRO A 205 6.55 -5.48 6.07
CA PRO A 205 6.25 -6.51 7.02
C PRO A 205 7.48 -7.21 7.53
N PRO A 206 7.35 -7.87 8.70
CA PRO A 206 8.47 -8.46 9.36
C PRO A 206 9.14 -9.57 8.60
N GLU A 207 8.40 -10.31 7.77
CA GLU A 207 9.00 -11.43 7.04
C GLU A 207 10.01 -10.88 6.03
N ILE A 208 9.71 -9.70 5.47
CA ILE A 208 10.66 -9.06 4.58
C ILE A 208 11.86 -8.46 5.29
N LEU A 209 11.61 -7.78 6.41
CA LEU A 209 12.65 -7.23 7.25
C LEU A 209 13.60 -8.31 7.79
N LEU A 210 13.05 -9.50 8.09
CA LEU A 210 13.86 -10.63 8.51
C LEU A 210 14.55 -11.36 7.35
N GLY A 211 14.42 -10.85 6.11
CA GLY A 211 15.15 -11.38 4.95
C GLY A 211 14.51 -12.54 4.19
N SER A 212 13.20 -12.70 4.30
CA SER A 212 12.55 -13.76 3.53
C SER A 212 12.56 -13.39 2.04
N ARG A 213 12.70 -14.38 1.16
CA ARG A 213 12.66 -14.18 -0.31
C ARG A 213 11.21 -14.25 -0.83
N HIS A 214 10.30 -14.80 -0.04
CA HIS A 214 8.93 -15.04 -0.49
C HIS A 214 8.05 -13.84 -0.15
N TYR A 215 7.69 -13.05 -1.18
CA TYR A 215 6.65 -12.02 -1.03
C TYR A 215 5.35 -12.80 -1.27
N SER A 216 4.36 -12.67 -0.39
CA SER A 216 3.04 -13.21 -0.71
C SER A 216 2.03 -12.06 -0.62
N THR A 217 0.77 -12.34 -0.95
CA THR A 217 -0.33 -11.38 -0.75
C THR A 217 -0.35 -10.76 0.65
N SER A 218 0.04 -11.54 1.66
CA SER A 218 0.14 -11.04 3.02
C SER A 218 0.98 -9.78 3.20
N VAL A 219 1.97 -9.55 2.34
CA VAL A 219 2.76 -8.34 2.44
C VAL A 219 1.87 -7.09 2.36
N ASP A 220 0.90 -7.12 1.44
CA ASP A 220 0.09 -5.94 1.17
C ASP A 220 -0.88 -5.73 2.32
N ILE A 221 -1.31 -6.84 2.93
CA ILE A 221 -2.22 -6.76 4.09
C ILE A 221 -1.58 -6.04 5.28
N TRP A 222 -0.35 -6.40 5.61
CA TRP A 222 0.45 -5.70 6.60
C TRP A 222 0.46 -4.21 6.30
N SER A 223 0.78 -3.84 5.07
CA SER A 223 0.90 -2.43 4.70
C SER A 223 -0.39 -1.68 4.89
N ILE A 224 -1.50 -2.30 4.48
CA ILE A 224 -2.84 -1.74 4.73
C ILE A 224 -3.08 -1.44 6.18
N ALA A 225 -2.77 -2.41 7.06
CA ALA A 225 -2.94 -2.18 8.51
C ALA A 225 -2.13 -0.98 9.00
N CYS A 226 -0.88 -0.88 8.54
CA CYS A 226 -0.03 0.26 8.89
C CYS A 226 -0.61 1.60 8.42
N ILE A 227 -1.12 1.63 7.20
CA ILE A 227 -1.75 2.85 6.66
C ILE A 227 -3.00 3.24 7.44
N TRP A 228 -3.76 2.22 7.80
CA TRP A 228 -5.00 2.39 8.57
C TRP A 228 -4.69 2.98 9.94
N ALA A 229 -3.76 2.39 10.65
CA ALA A 229 -3.28 2.91 11.93
C ALA A 229 -2.80 4.39 11.84
N GLU A 230 -2.07 4.70 10.79
CA GLU A 230 -1.59 6.08 10.56
C GLU A 230 -2.77 7.05 10.34
N MET A 231 -3.77 6.63 9.58
CA MET A 231 -4.95 7.50 9.39
C MET A 231 -5.60 7.84 10.72
N LEU A 232 -5.64 6.89 11.63
CA LEU A 232 -6.27 7.06 12.93
C LEU A 232 -5.34 7.83 13.85
N MET A 233 -4.08 7.45 13.90
CA MET A 233 -3.17 8.10 14.85
C MET A 233 -2.54 9.38 14.35
N LYS A 234 -2.58 9.64 13.04
CA LYS A 234 -1.92 10.82 12.45
C LYS A 234 -0.38 10.81 12.50
N THR A 235 0.21 9.69 12.92
CA THR A 235 1.64 9.47 12.91
C THR A 235 1.80 8.01 12.52
N PRO A 236 2.98 7.61 12.01
CA PRO A 236 3.11 6.21 11.62
C PRO A 236 3.10 5.27 12.80
N LEU A 237 2.52 4.07 12.61
CA LEU A 237 2.47 3.11 13.68
C LEU A 237 3.88 2.59 14.09
N PHE A 238 4.76 2.38 13.12
CA PHE A 238 6.05 1.75 13.32
C PHE A 238 7.09 2.58 12.55
N PRO A 239 7.51 3.72 13.11
CA PRO A 239 8.34 4.66 12.37
C PRO A 239 9.80 4.37 12.58
N GLY A 240 10.27 3.27 12.01
CA GLY A 240 11.64 2.84 12.12
C GLY A 240 12.56 3.66 11.23
N ASP A 241 13.84 3.68 11.62
CA ASP A 241 14.87 4.41 10.92
C ASP A 241 15.95 3.44 10.37
N SER A 242 15.70 2.13 10.43
CA SER A 242 16.59 1.08 9.91
C SER A 242 15.80 -0.25 9.90
N GLU A 243 16.26 -1.28 9.19
CA GLU A 243 15.50 -2.53 9.18
C GLU A 243 15.41 -3.14 10.57
N ILE A 244 16.52 -3.13 11.34
CA ILE A 244 16.47 -3.64 12.71
C ILE A 244 15.65 -2.72 13.62
N ASP A 245 15.79 -1.41 13.49
CA ASP A 245 14.95 -0.50 14.32
C ASP A 245 13.45 -0.69 14.02
N GLN A 246 13.18 -1.00 12.76
CA GLN A 246 11.84 -1.25 12.32
C GLN A 246 11.26 -2.50 12.98
N LEU A 247 11.99 -3.60 12.87
CA LEU A 247 11.62 -4.82 13.59
C LEU A 247 11.41 -4.54 15.07
N PHE A 248 12.34 -3.81 15.68
CA PHE A 248 12.18 -3.44 17.07
C PHE A 248 10.87 -2.71 17.40
N LYS A 249 10.50 -1.72 16.58
CA LYS A 249 9.25 -0.97 16.72
C LYS A 249 8.05 -1.92 16.64
N ILE A 250 8.11 -2.88 15.72
CA ILE A 250 7.05 -3.87 15.54
C ILE A 250 6.98 -4.77 16.79
N PHE A 251 8.12 -5.40 17.14
CA PHE A 251 8.20 -6.26 18.33
C PHE A 251 7.77 -5.50 19.60
N GLU A 252 8.07 -4.21 19.69
CA GLU A 252 7.68 -3.45 20.88
CA GLU A 252 7.68 -3.38 20.85
C GLU A 252 6.18 -3.45 21.13
N VAL A 253 5.40 -3.40 20.04
CA VAL A 253 3.95 -3.46 20.13
C VAL A 253 3.37 -4.86 20.15
N LEU A 254 3.83 -5.71 19.24
CA LEU A 254 3.23 -7.02 19.01
C LEU A 254 3.90 -8.15 19.77
N GLY A 255 5.04 -7.90 20.39
CA GLY A 255 5.79 -8.96 21.10
C GLY A 255 6.80 -9.58 20.17
N LEU A 256 7.81 -10.25 20.72
CA LEU A 256 8.76 -11.01 19.92
C LEU A 256 8.18 -12.35 19.56
N PRO A 257 8.23 -12.72 18.27
CA PRO A 257 7.73 -14.03 17.88
C PRO A 257 8.62 -15.19 18.33
N ASP A 258 8.03 -16.38 18.32
CA ASP A 258 8.76 -17.61 18.51
C ASP A 258 8.20 -18.60 17.50
N ASP A 259 8.69 -19.83 17.57
CA ASP A 259 8.38 -20.85 16.56
C ASP A 259 7.00 -21.47 16.75
N THR A 260 6.28 -21.05 17.81
CA THR A 260 4.86 -21.35 17.96
C THR A 260 4.01 -20.23 17.37
N THR A 261 4.28 -18.98 17.75
CA THR A 261 3.53 -17.87 17.17
C THR A 261 3.77 -17.70 15.66
N TRP A 262 4.94 -18.07 15.20
CA TRP A 262 5.35 -17.94 13.81
C TRP A 262 6.36 -19.05 13.48
N PRO A 263 5.84 -20.27 13.21
CA PRO A 263 6.66 -21.40 12.82
C PRO A 263 7.61 -21.04 11.68
N GLY A 264 8.90 -21.29 11.92
CA GLY A 264 9.96 -20.97 10.97
C GLY A 264 10.67 -19.62 11.17
N VAL A 265 10.14 -18.77 12.03
CA VAL A 265 10.69 -17.42 12.18
C VAL A 265 12.18 -17.43 12.54
N THR A 266 12.62 -18.37 13.41
CA THR A 266 14.01 -18.38 13.87
C THR A 266 14.99 -18.86 12.85
N ALA A 267 14.50 -19.42 11.74
CA ALA A 267 15.33 -19.88 10.63
C ALA A 267 15.44 -18.82 9.51
N LEU A 268 14.73 -17.71 9.65
CA LEU A 268 14.82 -16.66 8.64
C LEU A 268 16.22 -16.01 8.66
N PRO A 269 16.73 -15.56 7.50
CA PRO A 269 18.13 -15.15 7.43
C PRO A 269 18.64 -14.14 8.43
N ASP A 270 17.79 -13.18 8.80
CA ASP A 270 18.21 -12.10 9.68
C ASP A 270 17.65 -12.22 11.09
N TRP A 271 17.14 -13.40 11.44
CA TRP A 271 16.73 -13.61 12.83
C TRP A 271 17.96 -13.52 13.74
N LYS A 272 17.83 -12.92 14.92
CA LYS A 272 18.93 -12.84 15.90
C LYS A 272 18.44 -13.53 17.17
N GLN A 273 19.09 -14.61 17.61
CA GLN A 273 18.71 -15.29 18.89
C GLN A 273 18.88 -14.31 20.06
N SER A 274 19.59 -13.23 19.82
CA SER A 274 19.79 -12.22 20.86
C SER A 274 18.72 -11.12 20.86
N PHE A 275 17.66 -11.22 20.04
CA PHE A 275 16.63 -10.18 20.05
C PHE A 275 16.07 -10.05 21.48
N PRO A 276 15.79 -8.83 21.94
CA PRO A 276 15.20 -8.69 23.23
C PRO A 276 13.83 -9.37 23.29
N LYS A 277 13.49 -9.90 24.46
CA LYS A 277 12.27 -10.67 24.65
C LYS A 277 11.11 -9.68 24.91
N PHE A 278 10.77 -8.89 23.88
CA PHE A 278 9.66 -7.96 23.95
C PHE A 278 8.37 -8.73 24.24
N ARG A 279 7.60 -8.21 25.19
CA ARG A 279 6.32 -8.76 25.57
C ARG A 279 5.20 -8.25 24.68
N GLY A 280 5.28 -6.97 24.29
CA GLY A 280 4.30 -6.31 23.45
C GLY A 280 3.43 -5.35 24.25
N LYS A 281 3.46 -4.08 23.91
CA LYS A 281 2.50 -3.09 24.42
C LYS A 281 1.06 -3.42 24.11
N THR A 282 0.83 -4.07 22.96
CA THR A 282 -0.43 -4.56 22.44
C THR A 282 -1.06 -3.42 21.67
N LEU A 283 -1.71 -3.77 20.57
CA LEU A 283 -2.42 -2.75 19.77
C LEU A 283 -3.52 -2.02 20.56
N LYS A 284 -4.18 -2.76 21.46
CA LYS A 284 -5.27 -2.18 22.28
C LYS A 284 -4.76 -0.96 23.00
N ARG A 285 -3.60 -1.13 23.59
CA ARG A 285 -3.01 -0.07 24.35
C ARG A 285 -2.56 1.10 23.45
N VAL A 286 -2.08 0.80 22.25
CA VAL A 286 -1.55 1.85 21.39
C VAL A 286 -2.63 2.70 20.70
N LEU A 287 -3.72 2.08 20.31
CA LEU A 287 -4.72 2.78 19.52
C LEU A 287 -6.16 2.28 19.78
N GLY A 288 -6.36 1.48 20.83
CA GLY A 288 -7.69 0.91 21.15
C GLY A 288 -8.75 1.97 21.43
N ALA A 289 -8.31 3.15 21.91
CA ALA A 289 -9.10 4.36 22.05
C ALA A 289 -9.71 4.92 20.76
N LEU A 290 -9.10 4.62 19.60
CA LEU A 290 -9.45 5.26 18.33
C LEU A 290 -10.35 4.42 17.42
N LEU A 291 -10.74 3.26 17.92
CA LEU A 291 -11.28 2.21 17.10
C LEU A 291 -12.29 1.42 17.92
N ASP A 292 -13.44 1.02 17.37
CA ASP A 292 -14.37 0.14 18.15
C ASP A 292 -13.80 -1.29 18.27
N ASP A 293 -14.51 -2.19 18.94
CA ASP A 293 -13.94 -3.52 19.23
C ASP A 293 -13.82 -4.32 17.96
N GLU A 294 -14.73 -4.08 17.02
CA GLU A 294 -14.70 -4.77 15.75
C GLU A 294 -13.47 -4.36 14.95
N GLY A 295 -13.21 -3.06 14.92
CA GLY A 295 -12.11 -2.48 14.15
C GLY A 295 -10.82 -3.04 14.69
N LEU A 296 -10.70 -3.03 16.01
CA LEU A 296 -9.56 -3.66 16.68
C LEU A 296 -9.31 -5.10 16.28
N ASP A 297 -10.38 -5.90 16.22
CA ASP A 297 -10.21 -7.31 15.85
C ASP A 297 -9.72 -7.46 14.37
N LEU A 298 -10.24 -6.63 13.48
CA LEU A 298 -9.78 -6.64 12.08
C LEU A 298 -8.31 -6.28 12.04
N LEU A 299 -7.93 -5.19 12.68
CA LEU A 299 -6.53 -4.68 12.62
C LEU A 299 -5.56 -5.69 13.17
N THR A 300 -5.92 -6.28 14.31
CA THR A 300 -5.14 -7.34 14.89
C THR A 300 -4.95 -8.51 13.92
N ALA A 301 -5.99 -8.86 13.16
CA ALA A 301 -5.90 -9.96 12.17
C ALA A 301 -4.99 -9.63 11.00
N MET A 302 -4.94 -8.35 10.65
CA MET A 302 -4.06 -7.92 9.56
C MET A 302 -2.62 -7.81 10.03
N LEU A 303 -2.40 -7.70 11.33
CA LEU A 303 -1.04 -7.51 11.83
C LEU A 303 -0.53 -8.76 12.52
N GLU A 304 -0.97 -9.92 12.06
CA GLU A 304 -0.35 -11.20 12.48
C GLU A 304 1.02 -11.15 11.91
N MET A 305 2.02 -11.43 12.75
CA MET A 305 3.37 -11.29 12.27
C MET A 305 3.76 -12.41 11.28
N ASP A 306 3.27 -13.62 11.51
CA ASP A 306 3.44 -14.73 10.54
C ASP A 306 2.58 -14.49 9.34
N PRO A 307 3.17 -14.36 8.15
CA PRO A 307 2.38 -14.01 6.99
C PRO A 307 1.29 -14.99 6.66
N VAL A 308 1.50 -16.26 6.98
CA VAL A 308 0.49 -17.27 6.68
C VAL A 308 -0.77 -17.15 7.60
N LYS A 309 -0.68 -16.51 8.74
CA LYS A 309 -1.87 -16.27 9.57
C LYS A 309 -2.57 -14.94 9.32
N ARG A 310 -1.99 -14.10 8.48
CA ARG A 310 -2.52 -12.78 8.25
C ARG A 310 -3.81 -12.90 7.44
N ILE A 311 -4.84 -12.20 7.84
CA ILE A 311 -6.14 -12.19 7.14
C ILE A 311 -6.00 -11.81 5.64
N SER A 312 -6.76 -12.51 4.77
CA SER A 312 -6.81 -12.15 3.35
C SER A 312 -7.60 -10.86 3.15
N ALA A 313 -7.38 -10.19 2.02
CA ALA A 313 -8.17 -9.03 1.69
C ALA A 313 -9.62 -9.43 1.60
N LYS A 314 -9.88 -10.60 1.02
CA LYS A 314 -11.28 -11.08 0.86
C LYS A 314 -11.98 -11.26 2.20
N ASN A 315 -11.38 -12.00 3.08
CA ASN A 315 -11.91 -12.13 4.44
C ASN A 315 -11.96 -10.84 5.22
N ALA A 316 -11.03 -9.94 4.95
CA ALA A 316 -11.14 -8.62 5.56
C ALA A 316 -12.43 -7.92 5.04
N LEU A 317 -12.70 -7.97 3.76
CA LEU A 317 -13.93 -7.35 3.23
C LEU A 317 -15.21 -8.01 3.85
N GLU A 318 -15.12 -9.29 4.15
CA GLU A 318 -16.25 -9.97 4.81
C GLU A 318 -16.37 -9.75 6.29
N HIS A 319 -15.38 -9.14 6.91
CA HIS A 319 -15.37 -8.96 8.36
C HIS A 319 -16.62 -8.17 8.81
N PRO A 320 -17.14 -8.45 10.02
CA PRO A 320 -18.32 -7.70 10.50
C PRO A 320 -18.12 -6.19 10.59
N TYR A 321 -16.87 -5.74 10.63
CA TYR A 321 -16.56 -4.31 10.73
C TYR A 321 -17.17 -3.51 9.57
N PHE A 322 -17.32 -4.18 8.42
CA PHE A 322 -17.84 -3.57 7.20
C PHE A 322 -19.31 -4.00 6.94
N SER A 323 -20.01 -4.52 7.95
CA SER A 323 -21.42 -4.92 7.75
C SER A 323 -22.45 -3.88 8.23
N HIS A 324 -22.01 -2.68 8.56
CA HIS A 324 -22.89 -1.71 9.21
C HIS A 324 -23.32 -0.48 8.39
N ASN A 325 -22.97 -0.41 7.09
CA ASN A 325 -23.36 0.75 6.27
C ASN A 325 -22.99 2.13 6.82
N ASP A 326 -21.89 2.20 7.57
CA ASP A 326 -21.39 3.47 8.10
C ASP A 326 -20.15 3.94 7.32
N PHE A 327 -20.10 3.60 6.03
CA PHE A 327 -19.03 4.04 5.18
C PHE A 327 -19.50 4.05 3.73
N ASP A 328 -18.78 4.76 2.88
CA ASP A 328 -19.02 4.84 1.44
C ASP A 328 -18.05 3.95 0.66
N PRO A 329 -18.57 2.86 0.05
CA PRO A 329 -17.65 2.03 -0.73
C PRO A 329 -17.28 2.70 -2.06
P AMP B . 5.43 9.40 -6.39
O1P AMP B . 5.58 8.14 -7.21
O2P AMP B . 4.34 9.46 -5.36
O3P AMP B . 6.77 9.89 -5.82
O5' AMP B . 4.90 10.51 -7.42
C5' AMP B . 5.69 11.59 -7.88
C4' AMP B . 4.77 12.78 -8.17
O4' AMP B . 3.73 12.44 -9.10
C3' AMP B . 4.05 13.25 -6.93
O3' AMP B . 3.87 14.66 -7.04
C2' AMP B . 2.67 12.62 -6.98
O2' AMP B . 1.68 13.50 -6.41
C1' AMP B . 2.45 12.52 -8.48
N9 AMP B . 1.69 11.34 -9.01
C8 AMP B . 2.04 10.03 -9.01
N7 AMP B . 1.10 9.29 -9.65
C5 AMP B . 0.13 10.14 -10.06
C6 AMP B . -1.17 10.05 -10.79
N6 AMP B . -1.61 8.86 -11.23
N1 AMP B . -1.87 11.18 -10.99
C2 AMP B . -1.44 12.37 -10.55
N3 AMP B . -0.28 12.54 -9.87
C4 AMP B . 0.52 11.48 -9.63
#